data_7H6F
#
_entry.id   7H6F
#
_cell.length_a   71.870
_cell.length_b   71.870
_cell.length_c   47.950
_cell.angle_alpha   90.00
_cell.angle_beta   90.00
_cell.angle_gamma   90.00
#
_symmetry.space_group_name_H-M   'P 43'
#
loop_
_entity.id
_entity.type
_entity.pdbx_description
1 polymer Chymase
2 non-polymer 'ZINC ION'
3 non-polymer '3-[2-(dimethylamino)-2-oxoethyl]-1-[(5-fluoro-1-benzothiophen-3-yl)methyl]-1H-indole-2-carboxylic acid'
4 water water
#
_entity_poly.entity_id   1
_entity_poly.type   'polypeptide(L)'
_entity_poly.pdbx_seq_one_letter_code
;IIGGTESKPHSRPYMAYLEIVTSNGPSKFCGGFLIRRNFVLTAAHCAGRSITVTLGAHNITEEEDTWQKLEVIKQFRHPK
YNTSTLHHDIMLLKLKEKASLTLAVGTLPFPSQKNFVPPGRMCRVAGWGRTGVLKPGSDTLQEVKLRLMDPQACSHFRDF
DHNLQLCVGNPRKTKSAFKGDSGGPLLCAGVAQGIVSYGRSDAKPPAVFTRISHYRPWINQILQAN
;
_entity_poly.pdbx_strand_id   A
#
# COMPACT_ATOMS: atom_id res chain seq x y z
N ILE A 1 3.50 0.01 10.33
CA ILE A 1 4.93 0.33 10.11
C ILE A 1 5.62 0.13 11.42
N ILE A 2 6.62 -0.72 11.38
CA ILE A 2 7.41 -0.99 12.54
C ILE A 2 8.71 -0.22 12.39
N GLY A 3 9.05 0.48 13.46
CA GLY A 3 10.36 1.06 13.54
C GLY A 3 10.45 2.30 12.67
N GLY A 4 9.30 2.86 12.35
CA GLY A 4 9.27 4.01 11.48
C GLY A 4 9.11 5.27 12.31
N THR A 5 8.81 6.31 11.59
CA THR A 5 8.58 7.61 12.17
C THR A 5 7.17 8.00 11.82
N GLU A 6 6.61 8.86 12.62
CA GLU A 6 5.37 9.44 12.23
C GLU A 6 5.61 10.33 11.03
N SER A 7 4.81 10.15 10.00
CA SER A 7 4.96 10.97 8.84
C SER A 7 4.65 12.40 9.23
N LYS A 8 5.31 13.32 8.57
CA LYS A 8 4.85 14.67 8.70
C LYS A 8 3.43 14.67 8.18
N PRO A 9 2.47 15.25 8.90
CA PRO A 9 1.11 15.12 8.51
C PRO A 9 0.96 15.63 7.10
N HIS A 10 0.26 14.85 6.32
CA HIS A 10 -0.15 15.21 4.98
C HIS A 10 1.01 15.30 4.04
N SER A 11 2.15 14.78 4.46
CA SER A 11 3.32 14.83 3.63
C SER A 11 3.30 13.79 2.53
N ARG A 12 2.39 12.85 2.64
CA ARG A 12 2.27 11.83 1.62
C ARG A 12 0.84 11.86 1.17
N PRO A 13 0.51 12.89 0.41
CA PRO A 13 -0.89 13.22 0.21
C PRO A 13 -1.65 12.22 -0.63
N TYR A 14 -0.94 11.28 -1.19
CA TYR A 14 -1.55 10.23 -1.96
C TYR A 14 -1.95 9.08 -1.08
N MET A 15 -1.59 9.11 0.17
CA MET A 15 -1.86 7.96 0.98
C MET A 15 -3.34 7.81 1.19
N ALA A 16 -3.75 6.57 1.09
CA ALA A 16 -5.14 6.26 1.29
C ALA A 16 -5.25 5.30 2.44
N TYR A 17 -6.23 5.55 3.25
CA TYR A 17 -6.56 4.66 4.33
C TYR A 17 -7.84 3.97 3.95
N LEU A 18 -7.73 2.69 3.86
CA LEU A 18 -8.81 1.89 3.36
C LEU A 18 -9.44 1.14 4.48
N GLU A 19 -10.75 1.25 4.53
N GLU A 19 -10.76 1.21 4.53
CA GLU A 19 -11.52 0.48 5.46
CA GLU A 19 -11.50 0.36 5.43
C GLU A 19 -12.27 -0.52 4.62
C GLU A 19 -12.19 -0.69 4.56
N ILE A 20 -12.04 -1.77 4.92
N ILE A 20 -11.84 -1.95 4.83
CA ILE A 20 -12.48 -2.78 4.03
CA ILE A 20 -12.19 -3.11 4.05
C ILE A 20 -13.46 -3.62 4.77
C ILE A 20 -13.38 -3.78 4.72
N VAL A 21 -14.59 -3.70 4.11
CA VAL A 21 -15.74 -4.29 4.69
C VAL A 21 -15.86 -5.66 4.10
N THR A 22 -16.17 -6.59 4.96
CA THR A 22 -16.57 -7.92 4.53
C THR A 22 -17.87 -8.26 5.23
N SER A 23 -18.55 -9.29 4.73
CA SER A 23 -19.87 -9.65 5.18
C SER A 23 -19.81 -10.28 6.55
N ASN A 24 -18.68 -10.95 6.85
CA ASN A 24 -18.60 -11.92 7.93
C ASN A 24 -17.53 -11.55 8.94
N GLY A 25 -17.08 -10.32 8.94
CA GLY A 25 -16.21 -9.94 10.03
C GLY A 25 -16.19 -8.43 10.06
N PRO A 26 -15.56 -7.87 11.08
CA PRO A 26 -15.49 -6.43 11.20
C PRO A 26 -14.57 -5.91 10.13
N SER A 27 -14.58 -4.60 10.03
CA SER A 27 -13.70 -3.92 9.10
C SER A 27 -12.27 -4.34 9.29
N LYS A 28 -11.59 -4.37 8.17
CA LYS A 28 -10.15 -4.48 8.13
C LYS A 28 -9.66 -3.23 7.47
N PHE A 29 -8.37 -3.01 7.56
CA PHE A 29 -7.83 -1.76 7.12
C PHE A 29 -6.63 -2.08 6.28
N CYS A 30 -6.43 -1.22 5.33
CA CYS A 30 -5.27 -1.28 4.49
C CYS A 30 -4.87 0.13 4.19
N GLY A 31 -3.69 0.23 3.64
CA GLY A 31 -3.28 1.43 2.97
C GLY A 31 -3.52 1.28 1.50
N GLY A 32 -3.08 2.28 0.83
CA GLY A 32 -3.24 2.39 -0.58
C GLY A 32 -2.75 3.74 -0.94
N PHE A 33 -2.76 4.01 -2.20
CA PHE A 33 -2.30 5.30 -2.61
C PHE A 33 -3.04 5.69 -3.85
N LEU A 34 -3.31 6.97 -3.86
CA LEU A 34 -4.08 7.56 -4.91
C LEU A 34 -3.17 7.79 -6.09
N ILE A 35 -3.47 7.11 -7.16
CA ILE A 35 -2.65 7.29 -8.33
C ILE A 35 -3.36 8.08 -9.40
N ARG A 36 -4.69 8.15 -9.33
CA ARG A 36 -5.46 9.08 -10.12
C ARG A 36 -6.48 9.63 -9.18
N ARG A 37 -7.12 10.70 -9.55
CA ARG A 37 -8.03 11.27 -8.60
C ARG A 37 -9.12 10.32 -8.22
N ASN A 38 -9.38 9.35 -9.08
CA ASN A 38 -10.42 8.39 -8.72
C ASN A 38 -9.87 6.98 -8.71
N PHE A 39 -8.58 6.82 -8.52
CA PHE A 39 -8.11 5.46 -8.40
C PHE A 39 -7.06 5.38 -7.34
N VAL A 40 -7.27 4.37 -6.52
CA VAL A 40 -6.35 4.08 -5.46
C VAL A 40 -5.79 2.73 -5.76
N LEU A 41 -4.49 2.64 -5.64
CA LEU A 41 -3.82 1.38 -5.79
C LEU A 41 -3.58 0.85 -4.41
N THR A 42 -3.72 -0.45 -4.31
CA THR A 42 -3.55 -1.10 -3.04
C THR A 42 -3.23 -2.55 -3.34
N ALA A 43 -3.32 -3.35 -2.30
CA ALA A 43 -3.08 -4.76 -2.47
C ALA A 43 -4.40 -5.45 -2.73
N ALA A 44 -4.32 -6.48 -3.52
CA ALA A 44 -5.46 -7.32 -3.77
C ALA A 44 -6.00 -7.98 -2.52
N HIS A 45 -5.14 -8.26 -1.57
CA HIS A 45 -5.66 -8.93 -0.41
C HIS A 45 -6.50 -7.98 0.41
N CYS A 46 -6.52 -6.72 0.06
CA CYS A 46 -7.37 -5.76 0.70
C CYS A 46 -8.75 -5.70 0.08
N ALA A 47 -9.04 -6.54 -0.89
CA ALA A 47 -10.35 -6.56 -1.47
C ALA A 47 -11.34 -6.90 -0.39
N GLY A 48 -12.53 -6.40 -0.56
CA GLY A 48 -13.57 -6.81 0.35
C GLY A 48 -14.88 -6.59 -0.35
N ARG A 49 -15.94 -6.73 0.41
CA ARG A 49 -17.23 -6.48 -0.16
C ARG A 49 -17.38 -5.02 -0.52
N SER A 50 -16.78 -4.16 0.28
CA SER A 50 -16.81 -2.76 -0.06
C SER A 50 -15.64 -2.17 0.65
N ILE A 51 -15.23 -1.03 0.15
CA ILE A 51 -14.07 -0.40 0.71
C ILE A 51 -14.41 1.06 0.75
N THR A 52 -14.01 1.69 1.84
N THR A 52 -13.97 1.71 1.81
CA THR A 52 -14.02 3.12 1.92
CA THR A 52 -14.03 3.14 1.84
C THR A 52 -12.57 3.56 1.89
C THR A 52 -12.61 3.64 1.98
N VAL A 53 -12.35 4.69 1.24
CA VAL A 53 -11.05 5.27 1.24
C VAL A 53 -11.14 6.56 1.98
N THR A 54 -10.18 6.80 2.81
CA THR A 54 -10.02 8.10 3.37
C THR A 54 -8.70 8.63 2.89
N LEU A 55 -8.79 9.73 2.18
CA LEU A 55 -7.64 10.47 1.78
C LEU A 55 -7.50 11.65 2.71
N GLY A 56 -6.30 12.17 2.74
CA GLY A 56 -6.04 13.38 3.46
C GLY A 56 -5.83 13.14 4.93
N ALA A 57 -5.67 11.88 5.29
CA ALA A 57 -5.56 11.60 6.69
C ALA A 57 -4.14 11.66 7.16
N HIS A 58 -4.02 11.95 8.43
CA HIS A 58 -2.78 11.76 9.12
C HIS A 58 -3.09 10.92 10.33
N ASN A 59 -3.73 11.54 11.30
CA ASN A 59 -4.29 10.78 12.38
C ASN A 59 -5.66 10.36 11.95
N ILE A 60 -5.79 9.08 11.72
N ILE A 60 -5.82 9.07 11.70
CA ILE A 60 -7.03 8.58 11.14
CA ILE A 60 -7.07 8.59 11.15
C ILE A 60 -8.14 8.58 12.18
C ILE A 60 -8.15 8.50 12.20
N THR A 61 -7.84 8.88 13.45
CA THR A 61 -8.86 8.91 14.47
C THR A 61 -9.40 10.32 14.62
N GLU A 62 -8.79 11.27 13.93
CA GLU A 62 -9.12 12.66 14.16
C GLU A 62 -9.60 13.23 12.84
N GLU A 63 -10.92 13.32 12.70
N GLU A 63 -10.91 13.32 12.66
CA GLU A 63 -11.52 13.95 11.56
CA GLU A 63 -11.47 13.84 11.43
C GLU A 63 -10.87 15.30 11.36
C GLU A 63 -11.05 15.28 11.30
N GLU A 64 -10.66 15.66 10.10
CA GLU A 64 -10.22 17.00 9.85
C GLU A 64 -10.63 17.32 8.45
N ASP A 65 -10.55 18.59 8.15
CA ASP A 65 -11.02 19.04 6.87
C ASP A 65 -10.25 18.43 5.72
N THR A 66 -9.02 18.00 5.95
CA THR A 66 -8.28 17.37 4.86
C THR A 66 -8.89 16.06 4.47
N TRP A 67 -9.67 15.46 5.35
CA TRP A 67 -10.16 14.15 5.03
C TRP A 67 -11.07 14.24 3.85
N GLN A 68 -10.93 13.26 3.02
CA GLN A 68 -11.92 12.97 2.03
C GLN A 68 -12.22 11.52 2.15
N LYS A 69 -13.43 11.25 2.55
CA LYS A 69 -13.89 9.90 2.67
C LYS A 69 -14.60 9.61 1.38
N LEU A 70 -14.08 8.67 0.65
CA LEU A 70 -14.55 8.44 -0.67
C LEU A 70 -14.96 7.02 -0.80
N GLU A 71 -16.09 6.90 -1.41
CA GLU A 71 -16.63 5.63 -1.74
C GLU A 71 -15.84 5.04 -2.87
N VAL A 72 -15.64 3.76 -2.79
CA VAL A 72 -15.08 2.97 -3.85
C VAL A 72 -16.23 2.40 -4.61
N ILE A 73 -16.31 2.63 -5.91
N ILE A 73 -16.28 2.71 -5.89
CA ILE A 73 -17.43 2.07 -6.62
CA ILE A 73 -17.34 2.19 -6.72
C ILE A 73 -17.09 0.72 -7.20
C ILE A 73 -17.05 0.75 -7.07
N LYS A 74 -15.80 0.44 -7.39
CA LYS A 74 -15.46 -0.84 -7.93
C LYS A 74 -14.04 -1.14 -7.54
N GLN A 75 -13.85 -2.42 -7.31
CA GLN A 75 -12.54 -2.92 -7.02
C GLN A 75 -12.09 -3.70 -8.21
N PHE A 76 -10.86 -3.43 -8.57
CA PHE A 76 -10.23 -4.15 -9.66
C PHE A 76 -9.06 -4.92 -9.10
N ARG A 77 -9.38 -6.08 -8.59
CA ARG A 77 -8.36 -6.92 -8.04
C ARG A 77 -7.64 -7.54 -9.23
N HIS A 78 -6.35 -7.66 -9.13
CA HIS A 78 -5.61 -8.25 -10.22
C HIS A 78 -6.22 -9.61 -10.49
N PRO A 79 -6.53 -9.90 -11.76
CA PRO A 79 -7.27 -11.11 -12.08
C PRO A 79 -6.49 -12.37 -11.73
N LYS A 80 -5.17 -12.25 -11.62
CA LYS A 80 -4.37 -13.42 -11.35
C LYS A 80 -4.02 -13.48 -9.88
N TYR A 81 -4.52 -12.55 -9.10
CA TYR A 81 -4.24 -12.60 -7.70
C TYR A 81 -4.55 -13.98 -7.16
N ASN A 82 -3.56 -14.50 -6.47
CA ASN A 82 -3.62 -15.83 -6.00
C ASN A 82 -3.52 -15.79 -4.50
N THR A 83 -4.55 -16.26 -3.81
CA THR A 83 -4.58 -16.14 -2.37
C THR A 83 -3.61 -17.11 -1.72
N SER A 84 -3.15 -18.12 -2.47
CA SER A 84 -2.20 -19.08 -1.94
C SER A 84 -0.80 -18.50 -2.02
N THR A 85 -0.41 -18.07 -3.23
CA THR A 85 0.94 -17.63 -3.47
C THR A 85 1.08 -16.17 -3.11
N LEU A 86 -0.05 -15.47 -3.06
CA LEU A 86 -0.11 -14.03 -2.95
C LEU A 86 0.58 -13.37 -4.12
N HIS A 87 0.76 -14.07 -5.21
CA HIS A 87 1.20 -13.38 -6.40
C HIS A 87 0.12 -12.43 -6.86
N HIS A 88 0.61 -11.35 -7.43
CA HIS A 88 -0.23 -10.36 -8.08
C HIS A 88 -1.14 -9.68 -7.08
N ASP A 89 -0.55 -9.36 -5.95
CA ASP A 89 -1.30 -8.77 -4.87
C ASP A 89 -1.40 -7.30 -5.14
N ILE A 90 -2.30 -6.99 -6.05
CA ILE A 90 -2.45 -5.63 -6.43
C ILE A 90 -3.88 -5.46 -6.83
N MET A 91 -4.37 -4.27 -6.55
CA MET A 91 -5.74 -3.97 -6.80
C MET A 91 -5.86 -2.49 -6.97
N LEU A 92 -6.70 -2.15 -7.91
CA LEU A 92 -7.08 -0.77 -8.08
C LEU A 92 -8.48 -0.59 -7.60
N LEU A 93 -8.67 0.52 -6.94
CA LEU A 93 -9.97 0.89 -6.47
C LEU A 93 -10.37 2.10 -7.22
N LYS A 94 -11.51 1.99 -7.85
CA LYS A 94 -12.03 3.16 -8.49
C LYS A 94 -12.93 3.85 -7.51
N LEU A 95 -12.65 5.11 -7.29
CA LEU A 95 -13.45 5.90 -6.41
C LEU A 95 -14.65 6.35 -7.18
N LYS A 96 -15.75 6.52 -6.45
N LYS A 96 -15.75 6.52 -6.45
CA LYS A 96 -16.98 6.90 -7.04
CA LYS A 96 -17.00 6.91 -7.03
C LYS A 96 -16.87 8.28 -7.67
C LYS A 96 -16.88 8.29 -7.66
N GLU A 97 -16.09 9.15 -7.03
CA GLU A 97 -15.83 10.45 -7.60
C GLU A 97 -14.36 10.72 -7.48
N LYS A 98 -13.90 11.62 -8.32
CA LYS A 98 -12.55 12.06 -8.21
C LYS A 98 -12.38 12.80 -6.91
N ALA A 99 -11.31 12.48 -6.25
CA ALA A 99 -10.92 13.18 -5.06
C ALA A 99 -10.64 14.62 -5.41
N SER A 100 -10.81 15.47 -4.43
CA SER A 100 -10.37 16.82 -4.52
C SER A 100 -8.88 16.83 -4.30
N LEU A 101 -8.23 17.64 -5.11
CA LEU A 101 -6.83 17.88 -4.89
C LEU A 101 -6.75 18.99 -3.89
N THR A 102 -6.00 18.69 -2.86
CA THR A 102 -5.73 19.68 -1.86
C THR A 102 -4.27 19.57 -1.55
N LEU A 103 -3.80 20.36 -0.63
CA LEU A 103 -2.44 20.17 -0.22
C LEU A 103 -2.28 18.77 0.35
N ALA A 104 -3.31 18.31 1.06
CA ALA A 104 -3.24 17.07 1.78
C ALA A 104 -3.63 15.87 0.93
N VAL A 105 -4.14 16.10 -0.25
CA VAL A 105 -4.59 15.01 -1.08
C VAL A 105 -4.15 15.28 -2.48
N GLY A 106 -3.35 14.38 -2.97
CA GLY A 106 -2.92 14.49 -4.34
C GLY A 106 -2.56 13.12 -4.82
N THR A 107 -2.46 13.00 -6.12
CA THR A 107 -2.14 11.72 -6.69
C THR A 107 -0.66 11.56 -6.73
N LEU A 108 -0.32 10.30 -6.85
CA LEU A 108 1.03 9.91 -7.13
C LEU A 108 1.00 9.11 -8.42
N PRO A 109 0.98 9.78 -9.58
CA PRO A 109 0.96 9.07 -10.85
C PRO A 109 2.32 8.43 -11.01
N PHE A 110 2.32 7.32 -11.73
CA PHE A 110 3.57 6.69 -12.08
C PHE A 110 4.28 7.56 -13.08
N PRO A 111 5.63 7.59 -12.98
CA PRO A 111 6.43 8.18 -14.03
C PRO A 111 6.30 7.22 -15.22
N SER A 112 6.61 7.72 -16.42
N SER A 112 6.63 7.72 -16.41
CA SER A 112 6.56 6.88 -17.60
CA SER A 112 6.56 6.90 -17.60
C SER A 112 7.45 5.66 -17.40
C SER A 112 7.45 5.67 -17.42
N GLN A 113 8.65 5.89 -16.86
CA GLN A 113 9.63 4.84 -16.72
C GLN A 113 9.04 3.78 -15.78
N LYS A 114 9.25 2.51 -16.15
CA LYS A 114 8.80 1.39 -15.35
C LYS A 114 9.97 0.42 -15.22
N ASN A 115 11.14 1.00 -14.99
CA ASN A 115 12.36 0.24 -14.91
C ASN A 115 12.29 -0.69 -13.70
N PHE A 116 12.81 -1.86 -13.91
CA PHE A 116 12.88 -2.81 -12.83
C PHE A 116 13.84 -2.27 -11.78
N VAL A 117 13.40 -2.29 -10.53
CA VAL A 117 14.18 -1.71 -9.47
C VAL A 117 14.97 -2.85 -8.88
N PRO A 118 16.29 -2.79 -8.97
CA PRO A 118 17.07 -3.88 -8.48
C PRO A 118 17.19 -3.67 -6.99
N PRO A 119 17.70 -4.70 -6.30
CA PRO A 119 18.03 -4.57 -4.89
C PRO A 119 19.04 -3.47 -4.64
N GLY A 120 19.05 -2.97 -3.40
CA GLY A 120 20.19 -2.24 -2.89
C GLY A 120 19.82 -0.90 -2.27
N ARG A 121 18.86 -0.22 -2.87
CA ARG A 121 18.54 1.12 -2.43
C ARG A 121 17.62 1.07 -1.22
N MET A 122 17.39 2.26 -0.69
CA MET A 122 16.48 2.48 0.40
C MET A 122 15.24 3.10 -0.22
N CYS A 123 14.11 2.66 0.26
CA CYS A 123 12.83 3.19 -0.13
C CYS A 123 12.07 3.41 1.14
N ARG A 124 10.96 4.11 1.00
CA ARG A 124 10.14 4.47 2.14
C ARG A 124 8.76 3.92 1.90
N VAL A 125 8.21 3.38 2.95
CA VAL A 125 6.84 2.94 2.91
C VAL A 125 6.16 3.62 4.07
N ALA A 126 4.89 3.90 3.88
CA ALA A 126 4.10 4.56 4.87
C ALA A 126 2.84 3.78 5.07
N GLY A 127 2.31 3.88 6.26
CA GLY A 127 1.07 3.23 6.51
C GLY A 127 0.61 3.50 7.92
N TRP A 128 -0.62 3.11 8.11
CA TRP A 128 -1.24 3.19 9.40
C TRP A 128 -1.28 1.86 10.08
N GLY A 129 -0.41 0.98 9.62
CA GLY A 129 -0.48 -0.36 10.13
C GLY A 129 0.12 -0.43 11.52
N ARG A 130 0.15 -1.66 11.95
CA ARG A 130 0.64 -1.98 13.26
C ARG A 130 2.10 -1.56 13.37
N THR A 131 2.47 -1.14 14.56
CA THR A 131 3.81 -0.66 14.80
C THR A 131 4.61 -1.72 15.54
N GLY A 132 4.01 -2.89 15.63
CA GLY A 132 4.71 -4.05 16.13
C GLY A 132 3.72 -5.20 16.16
N VAL A 133 4.22 -6.40 16.41
CA VAL A 133 3.36 -7.55 16.37
C VAL A 133 2.17 -7.39 17.30
N LEU A 134 2.40 -6.85 18.50
CA LEU A 134 1.32 -6.85 19.45
C LEU A 134 0.64 -5.49 19.49
N LYS A 135 0.92 -4.64 18.49
CA LYS A 135 0.53 -3.26 18.59
C LYS A 135 -0.61 -3.07 17.60
N PRO A 136 -1.74 -2.57 18.04
CA PRO A 136 -2.62 -2.04 17.03
C PRO A 136 -2.06 -1.14 15.94
N GLY A 137 -2.89 -0.99 14.92
CA GLY A 137 -2.60 -0.05 13.88
C GLY A 137 -2.36 1.34 14.45
N SER A 138 -1.43 2.04 13.84
CA SER A 138 -1.10 3.37 14.24
C SER A 138 -2.25 4.29 13.92
N ASP A 139 -2.59 5.16 14.84
CA ASP A 139 -3.54 6.20 14.52
C ASP A 139 -2.95 7.15 13.50
N THR A 140 -1.63 7.33 13.53
CA THR A 140 -0.99 8.29 12.65
C THR A 140 -0.29 7.55 11.55
N LEU A 141 -0.20 8.24 10.44
CA LEU A 141 0.57 7.69 9.37
C LEU A 141 2.02 7.62 9.81
N GLN A 142 2.58 6.44 9.60
CA GLN A 142 3.96 6.21 9.91
C GLN A 142 4.64 5.92 8.62
N GLU A 143 5.95 6.05 8.67
CA GLU A 143 6.71 5.70 7.51
C GLU A 143 8.08 5.26 7.95
N VAL A 144 8.67 4.46 7.08
CA VAL A 144 9.94 3.92 7.43
C VAL A 144 10.71 3.75 6.15
N LYS A 145 12.01 3.92 6.28
CA LYS A 145 12.91 3.71 5.18
C LYS A 145 13.44 2.30 5.28
N LEU A 146 13.33 1.54 4.21
CA LEU A 146 13.69 0.15 4.21
C LEU A 146 14.59 -0.12 3.04
N ARG A 147 15.38 -1.11 3.24
CA ARG A 147 16.30 -1.51 2.22
C ARG A 147 15.64 -2.49 1.27
N LEU A 148 15.76 -2.22 -0.02
N LEU A 148 15.91 -2.27 0.01
CA LEU A 148 15.45 -3.22 -1.01
CA LEU A 148 15.46 -3.18 -1.01
C LEU A 148 16.52 -4.27 -0.88
C LEU A 148 16.47 -4.31 -1.13
N MET A 149 16.06 -5.49 -0.67
CA MET A 149 16.97 -6.56 -0.47
C MET A 149 17.06 -7.36 -1.74
N ASP A 150 18.17 -8.04 -1.85
CA ASP A 150 18.27 -9.05 -2.86
C ASP A 150 17.19 -10.06 -2.65
N PRO A 151 16.69 -10.66 -3.72
CA PRO A 151 15.51 -11.52 -3.64
C PRO A 151 15.77 -12.70 -2.75
N GLN A 152 17.03 -13.10 -2.64
CA GLN A 152 17.28 -14.25 -1.83
C GLN A 152 16.97 -13.95 -0.38
N ALA A 153 16.91 -12.67 -0.02
CA ALA A 153 16.56 -12.35 1.35
C ALA A 153 15.10 -12.67 1.63
N CYS A 154 14.34 -12.88 0.58
CA CYS A 154 12.96 -13.27 0.73
C CYS A 154 12.69 -14.67 0.28
N SER A 155 13.72 -15.45 0.15
CA SER A 155 13.58 -16.81 -0.31
C SER A 155 12.64 -17.59 0.56
N HIS A 156 12.69 -17.29 1.85
CA HIS A 156 11.91 -18.05 2.80
C HIS A 156 10.44 -17.87 2.58
N PHE A 157 10.08 -16.82 1.91
CA PHE A 157 8.73 -16.74 1.41
C PHE A 157 8.73 -17.57 0.17
N ARG A 158 8.22 -18.77 0.28
CA ARG A 158 8.54 -19.70 -0.78
C ARG A 158 7.89 -19.32 -2.08
N ASP A 159 6.85 -18.51 -2.01
CA ASP A 159 6.21 -18.08 -3.22
C ASP A 159 6.64 -16.68 -3.60
N PHE A 160 7.66 -16.17 -2.95
CA PHE A 160 8.22 -14.92 -3.39
C PHE A 160 8.79 -15.13 -4.78
N ASP A 161 8.71 -14.10 -5.59
CA ASP A 161 9.28 -14.15 -6.91
C ASP A 161 9.85 -12.80 -7.17
N HIS A 162 11.12 -12.78 -7.46
CA HIS A 162 11.82 -11.53 -7.62
C HIS A 162 11.22 -10.71 -8.75
N ASN A 163 10.71 -11.38 -9.77
CA ASN A 163 10.21 -10.63 -10.89
C ASN A 163 8.92 -9.94 -10.51
N LEU A 164 8.20 -10.48 -9.54
CA LEU A 164 6.87 -10.00 -9.22
C LEU A 164 6.90 -9.09 -8.02
N GLN A 165 7.95 -9.20 -7.21
CA GLN A 165 7.90 -8.68 -5.87
C GLN A 165 9.24 -8.13 -5.52
N LEU A 166 9.17 -7.13 -4.66
CA LEU A 166 10.33 -6.60 -4.01
C LEU A 166 10.42 -7.22 -2.66
N CYS A 167 11.66 -7.37 -2.26
CA CYS A 167 11.97 -7.92 -0.99
C CYS A 167 12.47 -6.76 -0.16
N VAL A 168 11.74 -6.40 0.89
CA VAL A 168 11.98 -5.10 1.46
C VAL A 168 12.16 -5.20 2.94
N GLY A 169 13.31 -4.71 3.38
CA GLY A 169 13.57 -4.58 4.79
C GLY A 169 14.72 -5.48 5.12
N ASN A 170 15.79 -4.84 5.53
CA ASN A 170 16.96 -5.52 5.99
C ASN A 170 16.57 -6.36 7.18
N PRO A 171 16.85 -7.67 7.16
CA PRO A 171 16.45 -8.53 8.27
C PRO A 171 17.18 -8.22 9.56
N ARG A 172 18.29 -7.49 9.46
CA ARG A 172 19.05 -7.07 10.62
C ARG A 172 18.33 -6.02 11.42
N LYS A 173 17.30 -5.41 10.83
CA LYS A 173 16.64 -4.32 11.48
C LYS A 173 15.23 -4.80 11.74
N THR A 174 14.55 -4.14 12.65
CA THR A 174 13.17 -4.48 12.88
C THR A 174 12.27 -3.63 11.98
N LYS A 175 12.82 -2.59 11.37
CA LYS A 175 12.04 -1.70 10.54
C LYS A 175 11.35 -2.51 9.46
N SER A 176 10.07 -2.27 9.30
CA SER A 176 9.35 -3.05 8.32
C SER A 176 7.97 -2.48 8.13
N ALA A 177 7.46 -2.68 6.95
CA ALA A 177 6.04 -2.64 6.80
C ALA A 177 5.47 -3.80 7.58
N PHE A 178 4.26 -3.65 8.01
CA PHE A 178 3.67 -4.76 8.71
C PHE A 178 2.18 -4.76 8.48
N LYS A 179 1.50 -5.61 9.23
CA LYS A 179 0.07 -5.72 9.11
C LYS A 179 -0.53 -4.34 9.21
N GLY A 180 -1.50 -4.12 8.33
CA GLY A 180 -2.18 -2.84 8.34
C GLY A 180 -1.54 -1.88 7.35
N ASP A 181 -0.33 -2.21 6.91
CA ASP A 181 0.29 -1.37 5.93
C ASP A 181 0.03 -1.86 4.53
N SER A 182 -0.63 -2.99 4.43
CA SER A 182 -1.01 -3.55 3.17
C SER A 182 -1.39 -2.48 2.20
N GLY A 183 -0.91 -2.60 0.99
CA GLY A 183 -1.39 -1.77 -0.06
C GLY A 183 -0.68 -0.43 -0.11
N GLY A 184 0.11 -0.12 0.90
CA GLY A 184 0.81 1.13 0.92
C GLY A 184 1.92 1.08 -0.08
N PRO A 185 2.30 2.23 -0.58
CA PRO A 185 3.32 2.35 -1.57
C PRO A 185 4.67 2.31 -0.90
N LEU A 186 5.57 1.68 -1.61
CA LEU A 186 6.97 1.81 -1.29
C LEU A 186 7.54 2.75 -2.30
N LEU A 187 8.02 3.88 -1.80
CA LEU A 187 8.50 4.89 -2.68
C LEU A 187 10.00 4.82 -2.64
N CYS A 188 10.55 4.78 -3.84
CA CYS A 188 11.97 4.82 -3.98
C CYS A 188 12.26 6.08 -4.74
N ALA A 189 12.95 6.97 -4.05
CA ALA A 189 13.22 8.29 -4.59
C ALA A 189 11.92 8.88 -5.13
N GLY A 190 10.88 8.75 -4.30
CA GLY A 190 9.64 9.45 -4.54
C GLY A 190 8.81 8.77 -5.61
N VAL A 191 9.24 7.60 -6.07
CA VAL A 191 8.47 6.88 -7.05
C VAL A 191 7.94 5.62 -6.42
N ALA A 192 6.65 5.36 -6.58
CA ALA A 192 6.09 4.14 -6.03
C ALA A 192 6.63 2.98 -6.83
N GLN A 193 7.32 2.10 -6.15
CA GLN A 193 7.88 0.93 -6.80
C GLN A 193 7.29 -0.33 -6.23
N GLY A 194 6.72 -0.25 -5.04
CA GLY A 194 6.25 -1.42 -4.36
C GLY A 194 4.89 -1.15 -3.75
N ILE A 195 4.20 -2.20 -3.43
CA ILE A 195 2.98 -2.14 -2.69
C ILE A 195 3.12 -3.12 -1.57
N VAL A 196 2.89 -2.71 -0.36
CA VAL A 196 3.02 -3.66 0.70
C VAL A 196 2.10 -4.83 0.43
N SER A 197 2.66 -6.00 0.48
CA SER A 197 1.89 -7.20 0.27
C SER A 197 1.83 -8.03 1.52
N TYR A 198 2.91 -8.69 1.87
CA TYR A 198 2.83 -9.56 3.00
C TYR A 198 4.21 -9.72 3.58
N GLY A 199 4.22 -10.40 4.68
CA GLY A 199 5.48 -10.73 5.26
C GLY A 199 5.20 -11.69 6.38
N ARG A 200 6.13 -11.74 7.30
CA ARG A 200 5.99 -12.68 8.38
C ARG A 200 5.06 -12.13 9.41
N SER A 201 4.29 -13.04 9.98
N SER A 201 4.28 -13.02 10.01
CA SER A 201 3.43 -12.72 11.10
CA SER A 201 3.39 -12.62 11.07
C SER A 201 4.21 -12.06 12.21
C SER A 201 4.18 -12.12 12.28
N ASP A 202 5.45 -12.51 12.37
CA ASP A 202 6.24 -12.07 13.50
C ASP A 202 6.98 -10.79 13.17
N ALA A 203 6.70 -10.24 12.00
CA ALA A 203 7.15 -8.92 11.63
C ALA A 203 8.63 -8.90 11.31
N LYS A 204 9.31 -10.02 11.25
CA LYS A 204 10.71 -9.98 10.93
C LYS A 204 10.83 -9.69 9.44
N PRO A 205 11.51 -8.61 9.12
CA PRO A 205 11.69 -8.27 7.74
C PRO A 205 12.66 -9.26 7.14
N PRO A 206 12.74 -9.30 5.82
CA PRO A 206 12.02 -8.47 4.90
C PRO A 206 10.58 -8.87 4.73
N ALA A 207 9.84 -7.92 4.23
CA ALA A 207 8.51 -8.17 3.78
C ALA A 207 8.50 -8.10 2.28
N VAL A 208 7.39 -8.56 1.75
CA VAL A 208 7.20 -8.72 0.34
C VAL A 208 6.27 -7.66 -0.14
N PHE A 209 6.76 -6.99 -1.15
CA PHE A 209 5.97 -5.97 -1.77
C PHE A 209 5.73 -6.34 -3.20
N THR A 210 4.57 -6.03 -3.67
CA THR A 210 4.33 -6.17 -5.07
C THR A 210 5.27 -5.24 -5.80
N ARG A 211 5.90 -5.77 -6.84
CA ARG A 211 6.78 -4.96 -7.63
C ARG A 211 5.94 -4.27 -8.67
N ILE A 212 5.77 -2.98 -8.49
CA ILE A 212 4.82 -2.29 -9.31
C ILE A 212 5.21 -2.34 -10.77
N SER A 213 6.51 -2.28 -11.06
CA SER A 213 6.90 -2.21 -12.45
C SER A 213 6.26 -3.35 -13.22
N HIS A 214 6.15 -4.49 -12.57
CA HIS A 214 5.66 -5.65 -13.27
C HIS A 214 4.20 -5.49 -13.66
N TYR A 215 3.49 -4.68 -12.91
CA TYR A 215 2.06 -4.54 -13.06
C TYR A 215 1.69 -3.25 -13.74
N ARG A 216 2.69 -2.50 -14.17
CA ARG A 216 2.38 -1.25 -14.81
C ARG A 216 1.45 -1.46 -16.00
N PRO A 217 1.64 -2.49 -16.84
CA PRO A 217 0.72 -2.64 -17.94
C PRO A 217 -0.68 -2.87 -17.44
N TRP A 218 -0.79 -3.70 -16.42
CA TRP A 218 -2.12 -4.00 -15.94
C TRP A 218 -2.74 -2.75 -15.34
N ILE A 219 -1.97 -2.03 -14.55
CA ILE A 219 -2.48 -0.80 -13.98
C ILE A 219 -2.98 0.09 -15.09
N ASN A 220 -2.15 0.25 -16.10
CA ASN A 220 -2.50 1.14 -17.17
C ASN A 220 -3.79 0.64 -17.81
N GLN A 221 -3.88 -0.67 -17.99
CA GLN A 221 -5.01 -1.26 -18.66
C GLN A 221 -6.28 -0.86 -17.91
N ILE A 222 -6.25 -1.03 -16.61
CA ILE A 222 -7.42 -0.73 -15.83
C ILE A 222 -7.70 0.75 -15.91
N LEU A 223 -6.69 1.57 -15.71
CA LEU A 223 -6.91 2.99 -15.72
C LEU A 223 -7.47 3.46 -17.05
N GLN A 224 -6.91 2.93 -18.12
CA GLN A 224 -7.33 3.39 -19.42
C GLN A 224 -8.76 2.91 -19.68
N ALA A 225 -9.18 1.77 -19.12
CA ALA A 225 -10.47 1.19 -19.45
C ALA A 225 -11.57 1.74 -18.55
N ASN A 226 -11.19 2.50 -17.52
CA ASN A 226 -12.12 2.84 -16.47
C ASN A 226 -12.02 4.35 -16.18
#